data_5CZH
#
_entry.id   5CZH
#
_cell.length_a   144.566
_cell.length_b   144.566
_cell.length_c   144.566
_cell.angle_alpha   90.00
_cell.angle_beta   90.00
_cell.angle_gamma   90.00
#
_symmetry.space_group_name_H-M   'I 2 3'
#
loop_
_entity.id
_entity.type
_entity.pdbx_description
1 polymer 'Epidermal growth factor receptor'
2 polymer 'Peptide substrate'
3 water water
#
loop_
_entity_poly.entity_id
_entity_poly.type
_entity_poly.pdbx_seq_one_letter_code
_entity_poly.pdbx_strand_id
1 'polypeptide(L)'
;GSPSGEAPNQALLRILKETEFKKIKVLGSGAFGTVYKGLWIPEGEKVKIPVAIKELREATSPKANKEILDEAYVMASVDN
PHVCRLLGICLTSTVQLITQLMPFGCLLDYVREHKDNIGSQYLLNWCVQIAKGMNYLEDRRLVHRDLAARNVLVKTPQHV
KITDFGRAKLLGAEEKEYHAEGGKVPIKWMALESILHRIYTHQSDVWSYGVTVWELMTFGSKPYDGIPASEISSILEKGE
RLPQPPICTIDVYMIMVKCWMIDADSRPKFRELIIEFSKMARDPQRYLVIQGDERMHLPSPTDSNFYRALMDEEDMDDVV
DADEYLIPQQG
;
A
2 'polypeptide(L)' DEEDY(PTR)EIP B
#
# COMPACT_ATOMS: atom_id res chain seq x y z
N GLY A 5 -3.07 14.07 24.24
CA GLY A 5 -3.73 15.26 23.73
C GLY A 5 -3.76 15.27 22.23
N GLU A 6 -4.87 14.85 21.65
CA GLU A 6 -4.97 14.73 20.21
C GLU A 6 -6.19 15.45 19.72
N ALA A 7 -6.16 15.84 18.45
CA ALA A 7 -7.30 16.47 17.81
C ALA A 7 -8.41 15.47 17.61
N PRO A 8 -9.64 15.96 17.70
CA PRO A 8 -10.80 15.12 17.42
C PRO A 8 -10.78 14.75 15.97
N ASN A 9 -11.15 13.52 15.67
CA ASN A 9 -11.19 13.07 14.30
C ASN A 9 -12.59 13.28 13.77
N GLN A 10 -12.74 14.25 12.88
CA GLN A 10 -14.06 14.65 12.45
C GLN A 10 -14.34 14.18 11.05
N ALA A 11 -13.55 13.23 10.59
CA ALA A 11 -13.78 12.57 9.30
C ALA A 11 -15.21 12.01 9.25
N LEU A 12 -15.77 11.92 8.04
CA LEU A 12 -17.14 11.47 7.89
C LEU A 12 -17.23 10.06 7.35
N LEU A 13 -17.89 9.19 8.10
CA LEU A 13 -18.14 7.85 7.62
C LEU A 13 -19.47 7.90 6.88
N ARG A 14 -19.43 7.63 5.59
CA ARG A 14 -20.62 7.76 4.77
C ARG A 14 -21.32 6.41 4.66
N ILE A 15 -22.63 6.37 4.90
CA ILE A 15 -23.35 5.11 4.73
C ILE A 15 -24.10 5.07 3.40
N LEU A 16 -23.70 4.13 2.56
CA LEU A 16 -24.31 3.94 1.24
C LEU A 16 -25.42 2.87 1.21
N LYS A 17 -26.40 3.09 0.33
CA LYS A 17 -27.52 2.17 0.08
C LYS A 17 -27.14 1.18 -1.04
N GLU A 18 -27.58 -0.07 -0.93
CA GLU A 18 -27.25 -1.11 -1.92
C GLU A 18 -27.79 -0.74 -3.31
N THR A 19 -28.84 0.09 -3.33
CA THR A 19 -29.44 0.57 -4.56
C THR A 19 -28.56 1.60 -5.29
N GLU A 20 -27.68 2.28 -4.54
CA GLU A 20 -26.85 3.35 -5.09
C GLU A 20 -25.70 2.83 -5.94
N PHE A 21 -25.47 1.52 -5.93
CA PHE A 21 -24.42 1.01 -6.80
C PHE A 21 -24.75 -0.34 -7.40
N LYS A 22 -24.26 -0.56 -8.62
CA LYS A 22 -24.47 -1.81 -9.30
C LYS A 22 -23.13 -2.47 -9.55
N LYS A 23 -23.02 -3.76 -9.26
CA LYS A 23 -21.76 -4.44 -9.42
C LYS A 23 -21.67 -5.06 -10.79
N ILE A 24 -20.77 -4.53 -11.61
CA ILE A 24 -20.52 -5.05 -12.93
C ILE A 24 -19.88 -6.44 -13.06
N LYS A 25 -18.85 -6.71 -12.27
CA LYS A 25 -18.03 -7.89 -12.47
C LYS A 25 -17.23 -8.23 -11.23
N VAL A 26 -16.62 -9.41 -11.19
CA VAL A 26 -15.91 -9.81 -9.99
C VAL A 26 -14.42 -9.75 -10.15
N LEU A 27 -13.76 -8.89 -9.39
CA LEU A 27 -12.31 -8.83 -9.38
C LEU A 27 -11.65 -10.05 -8.76
N GLY A 28 -12.12 -10.44 -7.59
CA GLY A 28 -11.54 -11.56 -6.89
C GLY A 28 -12.54 -12.24 -5.99
N SER A 29 -12.25 -13.49 -5.65
CA SER A 29 -13.08 -14.24 -4.72
C SER A 29 -12.23 -14.67 -3.55
N GLY A 30 -12.77 -14.47 -2.36
CA GLY A 30 -12.03 -14.71 -1.13
C GLY A 30 -12.86 -15.46 -0.13
N ALA A 31 -12.19 -16.05 0.85
CA ALA A 31 -12.89 -16.73 1.92
C ALA A 31 -13.75 -15.69 2.64
N PHE A 32 -13.19 -14.51 2.81
CA PHE A 32 -13.88 -13.43 3.47
C PHE A 32 -15.12 -13.02 2.70
N GLY A 33 -15.01 -13.00 1.38
CA GLY A 33 -16.07 -12.50 0.55
C GLY A 33 -15.62 -12.33 -0.88
N THR A 34 -16.47 -11.65 -1.64
CA THR A 34 -16.21 -11.40 -3.05
C THR A 34 -15.97 -9.92 -3.27
N VAL A 35 -14.92 -9.58 -4.00
CA VAL A 35 -14.67 -8.19 -4.34
C VAL A 35 -15.17 -7.92 -5.74
N TYR A 36 -15.97 -6.90 -5.89
CA TYR A 36 -16.61 -6.60 -7.16
C TYR A 36 -16.07 -5.33 -7.76
N LYS A 37 -16.03 -5.26 -9.07
CA LYS A 37 -15.85 -4.00 -9.76
C LYS A 37 -17.25 -3.50 -10.06
N GLY A 38 -17.56 -2.27 -9.71
CA GLY A 38 -18.89 -1.73 -9.97
C GLY A 38 -18.92 -0.22 -10.14
N LEU A 39 -20.11 0.34 -10.28
CA LEU A 39 -20.23 1.78 -10.35
C LEU A 39 -21.04 2.26 -9.17
N TRP A 40 -20.64 3.37 -8.57
CA TRP A 40 -21.42 4.02 -7.51
C TRP A 40 -22.11 5.25 -8.08
N ILE A 41 -23.44 5.23 -8.10
CA ILE A 41 -24.23 6.37 -8.55
C ILE A 41 -25.00 7.02 -7.41
N PRO A 42 -24.41 8.01 -6.77
CA PRO A 42 -25.02 8.63 -5.60
C PRO A 42 -26.35 9.16 -6.03
N GLU A 43 -27.37 9.01 -5.20
CA GLU A 43 -28.72 9.29 -5.63
C GLU A 43 -28.88 10.74 -6.04
N GLY A 44 -29.47 10.95 -7.21
CA GLY A 44 -29.75 12.28 -7.73
C GLY A 44 -28.54 13.19 -7.85
N GLU A 45 -27.39 12.65 -8.23
CA GLU A 45 -26.21 13.47 -8.44
C GLU A 45 -25.78 13.51 -9.89
N LYS A 46 -26.36 12.64 -10.69
CA LYS A 46 -26.02 12.57 -12.11
C LYS A 46 -24.54 12.34 -12.33
N VAL A 47 -23.95 11.52 -11.46
CA VAL A 47 -22.58 10.99 -11.66
C VAL A 47 -22.45 9.48 -11.36
N LYS A 48 -21.53 8.82 -12.06
CA LYS A 48 -21.22 7.41 -11.84
C LYS A 48 -19.75 7.28 -11.48
N ILE A 49 -19.45 6.53 -10.43
CA ILE A 49 -18.09 6.48 -9.91
C ILE A 49 -17.55 5.07 -9.85
N PRO A 50 -16.42 4.82 -10.55
CA PRO A 50 -15.84 3.47 -10.55
C PRO A 50 -15.37 3.15 -9.15
N VAL A 51 -15.87 2.04 -8.63
CA VAL A 51 -15.58 1.64 -7.27
C VAL A 51 -15.21 0.17 -7.24
N ALA A 52 -14.45 -0.21 -6.21
CA ALA A 52 -14.26 -1.61 -5.88
C ALA A 52 -15.09 -1.89 -4.63
N ILE A 53 -15.88 -2.95 -4.68
CA ILE A 53 -16.81 -3.30 -3.60
C ILE A 53 -16.49 -4.65 -2.96
N LYS A 54 -16.12 -4.67 -1.67
CA LYS A 54 -16.07 -5.92 -0.90
C LYS A 54 -17.46 -6.29 -0.35
N GLU A 55 -17.96 -7.47 -0.70
CA GLU A 55 -19.18 -8.00 -0.06
C GLU A 55 -18.81 -9.24 0.71
N LEU A 56 -18.79 -9.11 2.03
CA LEU A 56 -18.30 -10.15 2.91
C LEU A 56 -19.13 -11.42 2.86
N ARG A 57 -18.49 -12.54 3.16
CA ARG A 57 -19.10 -13.84 3.00
C ARG A 57 -20.31 -13.92 3.89
N GLU A 58 -21.28 -14.71 3.47
CA GLU A 58 -22.56 -14.79 4.16
C GLU A 58 -22.35 -15.25 5.59
N ALA A 59 -21.44 -16.19 5.79
CA ALA A 59 -21.10 -16.58 7.13
C ALA A 59 -19.97 -15.69 7.58
N THR A 60 -20.32 -14.71 8.41
CA THR A 60 -19.35 -13.75 8.87
C THR A 60 -19.27 -13.78 10.38
N SER A 61 -18.09 -14.05 10.89
CA SER A 61 -17.84 -14.08 12.32
C SER A 61 -17.88 -12.66 12.89
N PRO A 62 -18.23 -12.53 14.17
CA PRO A 62 -18.24 -11.23 14.85
C PRO A 62 -16.84 -10.62 14.99
N LYS A 63 -15.80 -11.46 14.98
CA LYS A 63 -14.43 -10.95 14.94
C LYS A 63 -14.07 -10.36 13.57
N ALA A 64 -14.46 -11.05 12.49
CA ALA A 64 -14.08 -10.63 11.15
C ALA A 64 -14.68 -9.28 10.78
N ASN A 65 -15.87 -9.01 11.32
CA ASN A 65 -16.55 -7.73 11.12
C ASN A 65 -15.96 -6.62 11.98
N LYS A 66 -15.69 -6.93 13.24
CA LYS A 66 -15.07 -5.98 14.16
C LYS A 66 -13.70 -5.57 13.63
N GLU A 67 -13.02 -6.52 12.97
CA GLU A 67 -11.71 -6.27 12.38
C GLU A 67 -11.81 -5.44 11.11
N ILE A 68 -12.84 -5.70 10.31
CA ILE A 68 -12.96 -5.03 9.03
C ILE A 68 -13.35 -3.56 9.20
N LEU A 69 -14.11 -3.27 10.26
CA LEU A 69 -14.57 -1.91 10.48
C LEU A 69 -13.43 -1.02 10.95
N ASP A 70 -12.45 -1.63 11.60
CA ASP A 70 -11.25 -0.89 11.96
C ASP A 70 -10.58 -0.41 10.70
N GLU A 71 -10.49 -1.28 9.70
CA GLU A 71 -9.86 -0.89 8.45
C GLU A 71 -10.61 0.27 7.80
N ALA A 72 -11.94 0.16 7.79
CA ALA A 72 -12.80 1.25 7.31
C ALA A 72 -12.59 2.52 8.13
N TYR A 73 -12.48 2.36 9.45
CA TYR A 73 -12.24 3.49 10.33
C TYR A 73 -11.01 4.27 9.87
N VAL A 74 -9.93 3.54 9.59
CA VAL A 74 -8.69 4.17 9.15
C VAL A 74 -8.79 4.79 7.74
N MET A 75 -9.29 4.00 6.79
CA MET A 75 -9.38 4.42 5.39
C MET A 75 -10.27 5.62 5.20
N ALA A 76 -11.14 5.85 6.17
CA ALA A 76 -12.04 7.00 6.16
C ALA A 76 -11.38 8.26 6.74
N SER A 77 -10.34 8.05 7.54
CA SER A 77 -9.75 9.16 8.25
C SER A 77 -8.55 9.67 7.49
N VAL A 78 -8.39 9.20 6.26
CA VAL A 78 -7.24 9.59 5.46
C VAL A 78 -7.66 10.38 4.24
N ASP A 79 -6.94 11.46 3.95
CA ASP A 79 -7.16 12.22 2.72
C ASP A 79 -5.83 12.65 2.11
N ASN A 80 -5.39 11.89 1.12
CA ASN A 80 -4.14 12.16 0.42
C ASN A 80 -4.16 11.51 -0.95
N PRO A 81 -3.58 12.18 -1.96
CA PRO A 81 -3.55 11.65 -3.31
C PRO A 81 -2.89 10.28 -3.45
N HIS A 82 -2.06 9.90 -2.48
CA HIS A 82 -1.31 8.65 -2.59
C HIS A 82 -1.69 7.63 -1.55
N VAL A 83 -2.94 7.71 -1.10
CA VAL A 83 -3.52 6.76 -0.16
C VAL A 83 -4.93 6.43 -0.65
N CYS A 84 -5.28 5.16 -0.65
CA CYS A 84 -6.60 4.78 -1.11
C CYS A 84 -7.66 5.37 -0.21
N ARG A 85 -8.46 6.28 -0.72
CA ARG A 85 -9.60 6.76 0.04
C ARG A 85 -10.75 5.78 0.02
N LEU A 86 -11.52 5.75 1.08
CA LEU A 86 -12.66 4.88 1.14
C LEU A 86 -13.92 5.71 1.02
N LEU A 87 -14.71 5.42 0.00
CA LEU A 87 -15.94 6.15 -0.27
C LEU A 87 -17.05 5.99 0.76
N GLY A 88 -17.25 4.78 1.25
CA GLY A 88 -18.27 4.54 2.24
C GLY A 88 -18.43 3.07 2.48
N ILE A 89 -19.39 2.70 3.30
CA ILE A 89 -19.70 1.30 3.51
C ILE A 89 -21.19 1.07 3.44
N CYS A 90 -21.58 -0.15 3.11
CA CYS A 90 -22.97 -0.50 3.03
C CYS A 90 -23.31 -1.55 4.06
N LEU A 91 -24.27 -1.25 4.92
CA LEU A 91 -24.67 -2.17 5.96
C LEU A 91 -25.78 -3.13 5.54
N THR A 92 -25.45 -4.04 4.66
CA THR A 92 -26.39 -5.06 4.24
C THR A 92 -26.25 -6.25 5.16
N SER A 93 -26.83 -7.38 4.79
CA SER A 93 -26.76 -8.55 5.64
C SER A 93 -25.30 -8.85 5.81
N THR A 94 -24.54 -8.69 4.74
CA THR A 94 -23.09 -8.72 4.83
C THR A 94 -22.58 -7.34 4.51
N VAL A 95 -21.72 -6.82 5.35
CA VAL A 95 -21.22 -5.46 5.19
C VAL A 95 -20.43 -5.32 3.91
N GLN A 96 -20.57 -4.18 3.24
CA GLN A 96 -19.75 -3.91 2.08
C GLN A 96 -18.91 -2.67 2.26
N LEU A 97 -17.60 -2.88 2.16
CA LEU A 97 -16.57 -1.82 2.08
C LEU A 97 -16.50 -1.30 0.63
N ILE A 98 -16.48 0.01 0.47
CA ILE A 98 -16.48 0.59 -0.87
C ILE A 98 -15.35 1.59 -1.10
N THR A 99 -14.44 1.23 -2.01
CA THR A 99 -13.28 2.07 -2.27
C THR A 99 -13.23 2.47 -3.72
N GLN A 100 -12.36 3.44 -4.03
CA GLN A 100 -12.12 3.89 -5.40
C GLN A 100 -11.52 2.75 -6.22
N LEU A 101 -12.04 2.55 -7.44
CA LEU A 101 -11.55 1.48 -8.30
C LEU A 101 -10.12 1.75 -8.77
N MET A 102 -9.21 0.80 -8.50
CA MET A 102 -7.84 0.89 -9.03
C MET A 102 -7.67 -0.12 -10.16
N PRO A 103 -7.93 0.32 -11.39
CA PRO A 103 -8.10 -0.57 -12.54
C PRO A 103 -6.92 -1.46 -12.85
N PHE A 104 -5.71 -0.97 -12.64
CA PHE A 104 -4.53 -1.75 -13.00
C PHE A 104 -4.08 -2.67 -11.87
N GLY A 105 -4.90 -2.73 -10.82
CA GLY A 105 -4.67 -3.61 -9.69
C GLY A 105 -3.40 -3.37 -8.89
N CYS A 106 -2.87 -4.46 -8.36
CA CYS A 106 -1.68 -4.49 -7.53
C CYS A 106 -0.45 -3.97 -8.27
N LEU A 107 0.36 -3.16 -7.60
CA LEU A 107 1.57 -2.65 -8.24
C LEU A 107 2.56 -3.78 -8.42
N LEU A 108 2.61 -4.69 -7.45
CA LEU A 108 3.48 -5.86 -7.56
C LEU A 108 3.17 -6.67 -8.82
N ASP A 109 1.90 -6.94 -9.07
CA ASP A 109 1.50 -7.70 -10.25
C ASP A 109 1.84 -6.94 -11.51
N TYR A 110 1.71 -5.63 -11.42
CA TYR A 110 1.89 -4.77 -12.56
C TYR A 110 3.34 -4.79 -13.00
N VAL A 111 4.27 -4.74 -12.05
CA VAL A 111 5.68 -4.75 -12.45
C VAL A 111 6.08 -6.10 -13.03
N ARG A 112 5.48 -7.15 -12.50
CA ARG A 112 5.70 -8.49 -13.01
C ARG A 112 5.21 -8.70 -14.43
N GLU A 113 4.03 -8.14 -14.74
CA GLU A 113 3.45 -8.28 -16.08
C GLU A 113 4.05 -7.33 -17.10
N HIS A 114 4.72 -6.27 -16.65
CA HIS A 114 5.10 -5.23 -17.60
C HIS A 114 6.58 -4.90 -17.57
N LYS A 115 7.38 -5.75 -16.98
CA LYS A 115 8.73 -5.38 -16.62
C LYS A 115 9.45 -4.94 -17.86
N ASP A 116 9.15 -5.59 -18.96
CA ASP A 116 9.76 -5.24 -20.23
C ASP A 116 9.42 -3.82 -20.61
N ASN A 117 8.21 -3.39 -20.29
CA ASN A 117 7.77 -2.05 -20.67
C ASN A 117 7.92 -0.94 -19.63
N ILE A 118 8.54 -1.24 -18.48
CA ILE A 118 8.65 -0.25 -17.42
C ILE A 118 10.00 0.45 -17.39
N GLY A 119 9.98 1.77 -17.30
CA GLY A 119 11.18 2.58 -17.44
C GLY A 119 11.55 3.37 -16.21
N SER A 120 12.80 3.81 -16.10
CA SER A 120 13.31 4.41 -14.88
C SER A 120 12.42 5.54 -14.33
N GLN A 121 11.92 6.37 -15.24
CA GLN A 121 11.03 7.46 -14.87
C GLN A 121 9.82 6.99 -14.05
N TYR A 122 9.20 5.91 -14.49
CA TYR A 122 8.06 5.38 -13.77
C TYR A 122 8.45 4.84 -12.40
N LEU A 123 9.47 4.00 -12.38
CA LEU A 123 9.95 3.40 -11.14
C LEU A 123 10.26 4.45 -10.07
N LEU A 124 11.11 5.41 -10.43
CA LEU A 124 11.44 6.50 -9.53
C LEU A 124 10.18 7.28 -9.13
N ASN A 125 9.34 7.63 -10.10
CA ASN A 125 8.08 8.30 -9.74
C ASN A 125 7.27 7.56 -8.68
N TRP A 126 7.14 6.24 -8.86
CA TRP A 126 6.47 5.41 -7.89
C TRP A 126 7.09 5.55 -6.51
N CYS A 127 8.42 5.44 -6.44
CA CYS A 127 9.13 5.54 -5.18
C CYS A 127 8.76 6.85 -4.49
N VAL A 128 8.80 7.94 -5.25
CA VAL A 128 8.34 9.23 -4.72
C VAL A 128 6.88 9.18 -4.21
N GLN A 129 5.96 8.69 -5.03
CA GLN A 129 4.55 8.73 -4.61
C GLN A 129 4.27 7.96 -3.33
N ILE A 130 4.85 6.78 -3.22
CA ILE A 130 4.77 5.97 -2.01
C ILE A 130 5.39 6.70 -0.81
N ALA A 131 6.51 7.39 -1.04
CA ALA A 131 7.14 8.16 0.01
C ALA A 131 6.21 9.29 0.48
N LYS A 132 5.53 9.95 -0.47
CA LYS A 132 4.57 11.00 -0.12
C LYS A 132 3.42 10.42 0.70
N GLY A 133 2.85 9.30 0.24
CA GLY A 133 1.78 8.64 0.96
C GLY A 133 2.20 8.30 2.38
N MET A 134 3.32 7.61 2.51
CA MET A 134 3.88 7.26 3.82
C MET A 134 4.18 8.48 4.68
N ASN A 135 4.65 9.55 4.05
CA ASN A 135 4.93 10.77 4.79
C ASN A 135 3.65 11.32 5.35
N TYR A 136 2.58 11.26 4.57
CA TYR A 136 1.31 11.76 5.03
C TYR A 136 0.87 10.94 6.22
N LEU A 137 1.11 9.65 6.15
CA LEU A 137 0.71 8.78 7.23
C LEU A 137 1.44 9.19 8.49
N GLU A 138 2.69 9.58 8.37
CA GLU A 138 3.43 10.04 9.53
C GLU A 138 2.85 11.32 10.13
N ASP A 139 2.48 12.27 9.30
CA ASP A 139 1.79 13.45 9.80
C ASP A 139 0.54 13.05 10.62
N ARG A 140 -0.20 12.06 10.14
CA ARG A 140 -1.41 11.63 10.84
C ARG A 140 -1.08 10.70 11.98
N ARG A 141 0.21 10.63 12.32
CA ARG A 141 0.71 9.76 13.38
C ARG A 141 0.27 8.32 13.16
N LEU A 142 0.14 7.90 11.89
CA LEU A 142 -0.28 6.53 11.60
C LEU A 142 0.88 5.63 11.21
N VAL A 143 0.87 4.40 11.69
CA VAL A 143 1.86 3.42 11.30
C VAL A 143 1.19 2.30 10.54
N HIS A 144 1.55 2.13 9.26
CA HIS A 144 0.89 1.16 8.42
C HIS A 144 1.09 -0.25 8.84
N ARG A 145 2.33 -0.60 9.12
CA ARG A 145 2.69 -1.87 9.71
C ARG A 145 2.67 -3.02 8.71
N ASP A 146 2.31 -2.73 7.47
CA ASP A 146 2.38 -3.74 6.43
C ASP A 146 2.53 -3.13 5.05
N LEU A 147 3.69 -2.56 4.78
CA LEU A 147 3.91 -1.92 3.51
C LEU A 147 4.68 -2.86 2.62
N ALA A 148 4.15 -3.12 1.45
CA ALA A 148 4.79 -3.99 0.49
C ALA A 148 4.23 -3.65 -0.84
N ALA A 149 4.92 -4.04 -1.90
CA ALA A 149 4.41 -3.81 -3.25
C ALA A 149 3.05 -4.45 -3.48
N ARG A 150 2.71 -5.46 -2.68
CA ARG A 150 1.40 -6.12 -2.76
C ARG A 150 0.30 -5.18 -2.29
N ASN A 151 0.70 -4.19 -1.47
CA ASN A 151 -0.27 -3.26 -0.88
C ASN A 151 -0.13 -1.84 -1.42
N VAL A 152 0.25 -1.72 -2.69
CA VAL A 152 0.15 -0.45 -3.39
C VAL A 152 -0.69 -0.66 -4.62
N LEU A 153 -1.72 0.13 -4.82
CA LEU A 153 -2.57 -0.08 -5.97
C LEU A 153 -2.25 0.90 -7.08
N VAL A 154 -2.56 0.51 -8.32
CA VAL A 154 -2.27 1.31 -9.50
C VAL A 154 -3.57 1.87 -10.10
N LYS A 155 -3.73 3.19 -10.02
CA LYS A 155 -4.90 3.86 -10.57
C LYS A 155 -4.67 4.05 -12.04
N THR A 156 -3.54 4.68 -12.35
CA THR A 156 -2.99 4.72 -13.70
C THR A 156 -1.52 4.35 -13.51
N PRO A 157 -0.86 3.91 -14.60
CA PRO A 157 0.57 3.64 -14.50
C PRO A 157 1.38 4.82 -13.96
N GLN A 158 0.86 6.03 -14.08
CA GLN A 158 1.51 7.20 -13.48
C GLN A 158 0.97 7.63 -12.09
N HIS A 159 0.06 6.87 -11.51
CA HIS A 159 -0.49 7.26 -10.21
C HIS A 159 -0.78 6.04 -9.34
N VAL A 160 0.06 5.82 -8.33
CA VAL A 160 -0.15 4.69 -7.43
C VAL A 160 -0.59 5.14 -6.04
N LYS A 161 -1.25 4.27 -5.29
CA LYS A 161 -1.72 4.63 -3.94
C LYS A 161 -1.50 3.49 -2.95
N ILE A 162 -1.15 3.84 -1.72
CA ILE A 162 -0.99 2.87 -0.64
C ILE A 162 -2.31 2.36 -0.15
N THR A 163 -2.36 1.10 0.28
CA THR A 163 -3.61 0.45 0.62
C THR A 163 -3.44 -0.63 1.67
N ASP A 164 -4.49 -1.38 1.93
CA ASP A 164 -4.48 -2.45 2.94
C ASP A 164 -4.14 -2.03 4.35
N PHE A 165 -5.05 -1.29 4.96
CA PHE A 165 -4.85 -0.69 6.26
C PHE A 165 -5.25 -1.58 7.43
N GLY A 166 -5.49 -2.84 7.15
CA GLY A 166 -6.02 -3.74 8.16
C GLY A 166 -5.13 -3.81 9.37
N ARG A 167 -3.83 -3.76 9.19
CA ARG A 167 -2.90 -3.82 10.32
C ARG A 167 -2.49 -2.46 10.88
N ALA A 168 -3.01 -1.38 10.32
CA ALA A 168 -2.56 -0.05 10.71
C ALA A 168 -2.86 0.30 12.16
N LYS A 169 -1.98 1.09 12.76
CA LYS A 169 -2.15 1.49 14.15
C LYS A 169 -1.97 2.98 14.32
N LEU A 170 -2.54 3.51 15.38
CA LEU A 170 -2.50 4.94 15.65
C LEU A 170 -1.72 5.21 16.91
N LEU A 171 -0.89 6.24 16.91
CA LEU A 171 -0.05 6.54 18.06
C LEU A 171 -0.55 7.73 18.87
N GLY A 172 -0.64 7.52 20.17
CA GLY A 172 -1.02 8.60 21.06
C GLY A 172 0.08 9.62 20.97
N ALA A 173 -0.27 10.90 21.11
CA ALA A 173 0.66 11.96 20.82
C ALA A 173 1.85 11.74 21.71
N GLU A 174 1.59 11.34 22.94
CA GLU A 174 2.65 10.88 23.82
C GLU A 174 3.32 9.63 23.28
N GLU A 175 2.52 8.72 22.73
CA GLU A 175 3.02 7.41 22.32
C GLU A 175 4.07 7.50 21.22
N LYS A 176 5.16 6.74 21.37
CA LYS A 176 6.23 6.73 20.38
C LYS A 176 6.45 5.39 19.71
N GLU A 177 6.02 4.31 20.35
CA GLU A 177 6.24 2.96 19.83
C GLU A 177 4.97 2.15 19.95
N TYR A 178 4.83 1.15 19.10
CA TYR A 178 3.65 0.31 19.17
C TYR A 178 4.03 -1.09 19.56
N HIS A 179 3.31 -1.64 20.53
CA HIS A 179 3.55 -2.99 20.98
C HIS A 179 2.38 -3.83 20.64
N ALA A 180 2.66 -5.00 20.08
CA ALA A 180 1.65 -5.83 19.48
C ALA A 180 1.71 -7.24 20.00
N GLU A 181 0.65 -7.99 19.77
CA GLU A 181 0.56 -9.37 20.22
C GLU A 181 0.49 -10.24 18.99
N GLY A 182 0.82 -11.52 19.14
CA GLY A 182 1.04 -12.37 17.99
C GLY A 182 -0.14 -12.49 17.05
N GLY A 183 0.17 -12.41 15.77
CA GLY A 183 -0.79 -12.50 14.69
C GLY A 183 0.04 -12.88 13.50
N LYS A 184 -0.58 -13.27 12.40
CA LYS A 184 0.22 -13.53 11.21
C LYS A 184 0.89 -12.23 10.75
N VAL A 185 2.16 -12.33 10.39
CA VAL A 185 2.97 -11.15 10.04
C VAL A 185 3.91 -11.35 8.85
N PRO A 186 4.17 -10.26 8.07
CA PRO A 186 5.04 -10.30 6.88
C PRO A 186 6.51 -10.18 7.26
N ILE A 187 7.10 -11.32 7.63
CA ILE A 187 8.43 -11.36 8.20
C ILE A 187 9.47 -10.71 7.31
N LYS A 188 9.34 -10.98 6.01
CA LYS A 188 10.36 -10.56 5.06
C LYS A 188 10.33 -9.07 4.70
N TRP A 189 9.38 -8.33 5.28
CA TRP A 189 9.27 -6.89 5.04
C TRP A 189 9.54 -6.14 6.31
N MET A 190 9.61 -6.88 7.40
CA MET A 190 9.64 -6.26 8.72
C MET A 190 11.02 -5.81 9.17
N ALA A 191 11.02 -4.67 9.87
CA ALA A 191 12.20 -4.25 10.60
C ALA A 191 12.62 -5.38 11.53
N LEU A 192 13.91 -5.43 11.90
CA LEU A 192 14.39 -6.41 12.86
C LEU A 192 13.74 -6.16 14.22
N GLU A 193 13.72 -4.90 14.62
CA GLU A 193 13.11 -4.48 15.88
C GLU A 193 11.66 -4.93 16.00
N SER A 194 11.01 -5.14 14.86
CA SER A 194 9.63 -5.62 14.86
C SER A 194 9.60 -7.12 15.06
N ILE A 195 10.45 -7.84 14.35
CA ILE A 195 10.47 -9.28 14.49
C ILE A 195 10.88 -9.73 15.88
N LEU A 196 11.93 -9.13 16.42
CA LEU A 196 12.36 -9.47 17.77
C LEU A 196 11.41 -9.03 18.88
N HIS A 197 10.92 -7.80 18.78
CA HIS A 197 10.22 -7.18 19.88
C HIS A 197 8.84 -6.72 19.59
N ARG A 198 8.32 -7.04 18.42
CA ARG A 198 6.97 -6.63 18.09
C ARG A 198 6.86 -5.14 18.22
N ILE A 199 7.89 -4.44 17.81
CA ILE A 199 7.89 -2.99 17.92
C ILE A 199 7.75 -2.37 16.55
N TYR A 200 6.86 -1.40 16.44
CA TYR A 200 6.59 -0.73 15.18
C TYR A 200 6.71 0.79 15.32
N THR A 201 7.28 1.43 14.32
CA THR A 201 7.51 2.87 14.37
C THR A 201 7.27 3.36 12.98
N HIS A 202 7.22 4.68 12.81
CA HIS A 202 7.27 5.26 11.47
C HIS A 202 8.55 4.76 10.80
N GLN A 203 9.62 4.63 11.58
CA GLN A 203 10.88 4.11 11.04
C GLN A 203 10.81 2.63 10.63
N SER A 204 10.04 1.80 11.34
CA SER A 204 9.90 0.41 10.93
C SER A 204 9.13 0.35 9.60
N ASP A 205 8.36 1.40 9.32
CA ASP A 205 7.72 1.50 8.02
C ASP A 205 8.73 1.85 6.93
N VAL A 206 9.71 2.68 7.27
CA VAL A 206 10.79 3.00 6.33
C VAL A 206 11.53 1.74 5.88
N TRP A 207 11.94 0.92 6.84
CA TRP A 207 12.49 -0.38 6.53
C TRP A 207 11.64 -1.09 5.46
N SER A 208 10.34 -1.18 5.70
CA SER A 208 9.46 -1.87 4.78
C SER A 208 9.41 -1.15 3.43
N TYR A 209 9.51 0.19 3.50
CA TYR A 209 9.65 0.99 2.29
C TYR A 209 10.88 0.53 1.49
N GLY A 210 12.02 0.40 2.17
CA GLY A 210 13.22 -0.13 1.56
C GLY A 210 12.93 -1.41 0.78
N VAL A 211 12.41 -2.42 1.48
CA VAL A 211 12.02 -3.66 0.84
C VAL A 211 11.06 -3.43 -0.33
N THR A 212 10.12 -2.49 -0.17
CA THR A 212 9.16 -2.26 -1.24
C THR A 212 9.86 -1.78 -2.49
N VAL A 213 10.76 -0.80 -2.37
CA VAL A 213 11.40 -0.28 -3.57
C VAL A 213 12.24 -1.41 -4.19
N TRP A 214 12.88 -2.20 -3.34
CA TRP A 214 13.59 -3.37 -3.81
C TRP A 214 12.70 -4.31 -4.62
N GLU A 215 11.44 -4.45 -4.22
CA GLU A 215 10.54 -5.29 -5.01
C GLU A 215 10.39 -4.69 -6.40
N LEU A 216 10.24 -3.37 -6.47
CA LEU A 216 10.01 -2.70 -7.73
C LEU A 216 11.23 -2.75 -8.65
N MET A 217 12.43 -2.54 -8.09
CA MET A 217 13.67 -2.54 -8.86
C MET A 217 14.12 -3.93 -9.31
N THR A 218 13.51 -4.96 -8.75
CA THR A 218 13.74 -6.33 -9.19
C THR A 218 12.57 -6.83 -10.01
N PHE A 219 11.62 -5.94 -10.29
CA PHE A 219 10.42 -6.24 -11.08
C PHE A 219 9.49 -7.28 -10.47
N GLY A 220 9.59 -7.45 -9.16
CA GLY A 220 8.65 -8.26 -8.45
C GLY A 220 9.29 -9.50 -7.89
N SER A 221 10.61 -9.49 -7.76
CA SER A 221 11.29 -10.63 -7.16
C SER A 221 10.87 -10.78 -5.70
N LYS A 222 11.00 -11.99 -5.16
CA LYS A 222 10.63 -12.23 -3.77
C LYS A 222 11.84 -12.07 -2.85
N PRO A 223 11.74 -11.15 -1.89
CA PRO A 223 12.82 -10.84 -0.94
C PRO A 223 13.16 -12.04 -0.10
N TYR A 224 14.46 -12.31 0.02
CA TYR A 224 14.97 -13.44 0.78
C TYR A 224 14.32 -14.74 0.36
N ASP A 225 14.02 -14.87 -0.92
CA ASP A 225 13.49 -16.14 -1.40
C ASP A 225 14.53 -17.23 -1.20
N GLY A 226 14.04 -18.45 -0.98
CA GLY A 226 14.92 -19.57 -0.76
C GLY A 226 15.36 -19.70 0.68
N ILE A 227 15.18 -18.63 1.46
CA ILE A 227 15.48 -18.72 2.89
C ILE A 227 14.23 -18.57 3.77
N PRO A 228 14.08 -19.47 4.77
CA PRO A 228 12.87 -19.55 5.60
C PRO A 228 12.77 -18.42 6.61
N ALA A 229 11.55 -17.93 6.80
CA ALA A 229 11.32 -16.77 7.65
C ALA A 229 11.85 -16.90 9.08
N SER A 230 11.90 -18.14 9.59
CA SER A 230 12.44 -18.38 10.92
C SER A 230 13.92 -17.94 11.00
N GLU A 231 14.58 -17.94 9.83
CA GLU A 231 16.00 -17.59 9.74
C GLU A 231 16.30 -16.08 9.64
N ILE A 232 15.31 -15.32 9.16
CA ILE A 232 15.50 -13.90 8.85
C ILE A 232 16.10 -13.08 10.00
N SER A 233 15.57 -13.21 11.21
CA SER A 233 16.07 -12.42 12.33
C SER A 233 17.58 -12.61 12.56
N SER A 234 18.05 -13.85 12.44
CA SER A 234 19.45 -14.18 12.72
C SER A 234 20.33 -13.64 11.60
N ILE A 235 19.76 -13.55 10.41
CA ILE A 235 20.51 -13.14 9.23
C ILE A 235 20.74 -11.63 9.17
N LEU A 236 19.72 -10.86 9.57
CA LEU A 236 19.86 -9.41 9.66
C LEU A 236 20.81 -9.06 10.80
N GLU A 237 20.82 -9.89 11.84
CA GLU A 237 21.67 -9.64 13.00
C GLU A 237 23.13 -9.76 12.58
N LYS A 238 23.39 -10.70 11.66
CA LYS A 238 24.71 -10.89 11.06
C LYS A 238 25.12 -9.71 10.16
N GLY A 239 24.14 -9.00 9.63
CA GLY A 239 24.41 -7.84 8.80
C GLY A 239 24.08 -8.06 7.34
N GLU A 240 23.77 -9.32 6.98
CA GLU A 240 23.34 -9.66 5.62
C GLU A 240 22.09 -8.82 5.26
N ARG A 241 22.01 -8.36 4.01
CA ARG A 241 20.88 -7.60 3.52
C ARG A 241 20.51 -8.05 2.11
N LEU A 242 19.43 -7.51 1.56
CA LEU A 242 19.00 -7.85 0.20
C LEU A 242 20.06 -7.38 -0.79
N PRO A 243 20.29 -8.14 -1.87
CA PRO A 243 21.32 -7.77 -2.85
C PRO A 243 20.91 -6.52 -3.64
N GLN A 244 21.87 -5.91 -4.35
CA GLN A 244 21.64 -4.72 -5.18
C GLN A 244 21.00 -5.11 -6.50
N PRO A 245 19.79 -4.57 -6.78
CA PRO A 245 19.18 -4.89 -8.07
C PRO A 245 20.09 -4.47 -9.23
N PRO A 246 20.16 -5.31 -10.27
CA PRO A 246 20.97 -5.11 -11.48
C PRO A 246 20.82 -3.73 -12.08
N ILE A 247 19.59 -3.21 -12.13
CA ILE A 247 19.35 -1.89 -12.74
C ILE A 247 19.78 -0.75 -11.81
N CYS A 248 20.23 -1.10 -10.61
CA CYS A 248 20.42 -0.08 -9.58
C CYS A 248 21.81 0.54 -9.48
N THR A 249 21.90 1.83 -9.75
CA THR A 249 23.10 2.56 -9.39
C THR A 249 23.30 2.48 -7.88
N ILE A 250 24.53 2.68 -7.45
CA ILE A 250 24.84 2.59 -6.04
C ILE A 250 24.04 3.66 -5.27
N ASP A 251 23.73 4.76 -5.94
CA ASP A 251 23.00 5.86 -5.34
C ASP A 251 21.67 5.41 -4.78
N VAL A 252 20.91 4.74 -5.63
CA VAL A 252 19.63 4.19 -5.24
C VAL A 252 19.82 3.11 -4.18
N TYR A 253 20.67 2.14 -4.48
CA TYR A 253 20.91 1.04 -3.54
C TYR A 253 21.39 1.52 -2.18
N MET A 254 22.29 2.49 -2.18
CA MET A 254 22.68 3.16 -0.94
C MET A 254 21.45 3.49 -0.13
N ILE A 255 20.48 4.10 -0.80
CA ILE A 255 19.30 4.58 -0.11
C ILE A 255 18.51 3.44 0.52
N MET A 256 18.30 2.36 -0.24
CA MET A 256 17.67 1.17 0.32
C MET A 256 18.41 0.67 1.56
N VAL A 257 19.70 0.48 1.42
CA VAL A 257 20.53 0.06 2.53
C VAL A 257 20.26 0.89 3.79
N LYS A 258 20.27 2.22 3.66
CA LYS A 258 19.99 3.09 4.80
C LYS A 258 18.65 2.78 5.49
N CYS A 259 17.62 2.44 4.72
CA CYS A 259 16.34 2.04 5.29
C CYS A 259 16.48 0.81 6.19
N TRP A 260 17.54 0.05 5.95
CA TRP A 260 17.68 -1.22 6.64
C TRP A 260 18.75 -1.15 7.71
N MET A 261 19.07 0.07 8.14
CA MET A 261 19.95 0.24 9.28
C MET A 261 19.34 -0.40 10.51
N ILE A 262 20.16 -0.69 11.51
CA ILE A 262 19.61 -1.25 12.73
C ILE A 262 19.19 -0.17 13.74
N ASP A 263 20.05 0.82 13.95
CA ASP A 263 19.59 2.01 14.67
C ASP A 263 18.51 2.63 13.79
N ALA A 264 17.27 2.41 14.18
CA ALA A 264 16.12 2.96 13.47
C ALA A 264 16.15 4.49 13.30
N ASP A 265 16.77 5.19 14.25
CA ASP A 265 16.86 6.64 14.16
C ASP A 265 17.89 7.04 13.09
N SER A 266 18.77 6.12 12.74
CA SER A 266 19.77 6.36 11.68
C SER A 266 19.19 6.24 10.27
N ARG A 267 18.03 5.59 10.17
CA ARG A 267 17.34 5.42 8.89
C ARG A 267 16.77 6.73 8.39
N PRO A 268 16.48 6.80 7.08
CA PRO A 268 15.98 8.08 6.56
C PRO A 268 14.52 8.34 6.92
N LYS A 269 14.12 9.60 6.85
CA LYS A 269 12.72 9.97 7.07
C LYS A 269 12.00 10.06 5.74
N PHE A 270 10.75 9.61 5.71
CA PHE A 270 9.94 9.66 4.50
C PHE A 270 10.06 10.99 3.76
N ARG A 271 10.12 12.10 4.50
CA ARG A 271 10.30 13.39 3.84
C ARG A 271 11.65 13.47 3.15
N GLU A 272 12.64 12.78 3.70
CA GLU A 272 13.96 12.80 3.08
C GLU A 272 13.95 11.92 1.84
N LEU A 273 13.31 10.75 1.96
CA LEU A 273 13.11 9.87 0.82
C LEU A 273 12.40 10.58 -0.31
N ILE A 274 11.34 11.31 0.03
CA ILE A 274 10.63 12.10 -0.98
C ILE A 274 11.64 12.95 -1.75
N ILE A 275 12.42 13.72 -1.02
CA ILE A 275 13.49 14.54 -1.60
C ILE A 275 14.51 13.76 -2.46
N GLU A 276 15.06 12.68 -1.92
CA GLU A 276 16.10 11.97 -2.66
C GLU A 276 15.59 11.37 -3.96
N PHE A 277 14.43 10.73 -3.94
CA PHE A 277 13.92 10.08 -5.16
C PHE A 277 13.49 11.11 -6.17
N SER A 278 12.94 12.19 -5.64
CA SER A 278 12.52 13.33 -6.42
C SER A 278 13.71 13.99 -7.14
N LYS A 279 14.87 14.07 -6.50
CA LYS A 279 16.06 14.57 -7.21
C LYS A 279 16.34 13.59 -8.32
N MET A 280 16.39 12.32 -7.97
CA MET A 280 16.71 11.29 -8.93
C MET A 280 15.72 11.20 -10.08
N ALA A 281 14.46 11.49 -9.82
CA ALA A 281 13.42 11.40 -10.83
C ALA A 281 13.63 12.40 -11.96
N ARG A 282 14.29 13.49 -11.63
CA ARG A 282 14.64 14.52 -12.59
C ARG A 282 15.58 14.00 -13.67
N ASP A 283 16.51 13.14 -13.27
CA ASP A 283 17.45 12.54 -14.21
C ASP A 283 17.44 11.04 -14.03
N PRO A 284 16.40 10.39 -14.51
CA PRO A 284 16.18 8.97 -14.23
C PRO A 284 17.23 8.03 -14.75
N GLN A 285 17.71 8.29 -15.95
CA GLN A 285 18.66 7.40 -16.60
C GLN A 285 20.07 7.48 -15.99
N ARG A 286 20.26 8.41 -15.06
CA ARG A 286 21.53 8.53 -14.34
C ARG A 286 21.51 7.65 -13.10
N TYR A 287 20.31 7.24 -12.70
CA TYR A 287 20.15 6.53 -11.44
C TYR A 287 19.61 5.10 -11.57
N LEU A 288 18.95 4.82 -12.68
CA LEU A 288 18.56 3.44 -13.01
C LEU A 288 18.96 3.05 -14.43
N VAL A 289 19.76 1.99 -14.56
CA VAL A 289 20.23 1.55 -15.87
C VAL A 289 19.38 0.36 -16.35
N ILE A 290 18.44 0.64 -17.25
CA ILE A 290 17.56 -0.39 -17.83
C ILE A 290 17.69 -0.50 -19.36
N GLN A 291 17.84 -1.73 -19.87
CA GLN A 291 17.99 -1.97 -21.32
C GLN A 291 16.74 -1.56 -22.14
N GLY A 292 16.88 -0.52 -22.97
CA GLY A 292 15.75 -0.05 -23.77
C GLY A 292 14.91 1.07 -23.16
N ASP A 293 15.38 1.59 -22.02
CA ASP A 293 14.69 2.60 -21.21
C ASP A 293 14.10 3.77 -22.03
N GLU A 294 14.92 4.31 -22.91
CA GLU A 294 14.59 5.52 -23.66
C GLU A 294 13.32 5.40 -24.53
N ARG A 295 12.88 4.17 -24.78
CA ARG A 295 11.78 3.96 -25.74
C ARG A 295 10.50 3.32 -25.19
N MET A 296 10.47 2.99 -23.92
CA MET A 296 9.31 2.31 -23.34
C MET A 296 8.06 3.18 -23.27
N HIS A 297 6.91 2.58 -23.57
CA HIS A 297 5.63 3.28 -23.52
C HIS A 297 4.63 2.59 -22.64
N LEU A 298 4.00 3.35 -21.76
CA LEU A 298 2.99 2.81 -20.85
C LEU A 298 1.71 3.64 -20.91
N PRO A 299 0.56 2.96 -20.81
CA PRO A 299 -0.75 3.62 -20.91
C PRO A 299 -0.97 4.72 -19.88
N ASP A 312 -14.77 -2.58 -19.69
CA ASP A 312 -15.27 -1.21 -19.81
C ASP A 312 -16.74 -1.19 -20.16
N GLU A 313 -17.31 0.00 -20.22
CA GLU A 313 -18.72 0.18 -20.55
C GLU A 313 -18.92 1.45 -21.37
N GLU A 314 -20.03 1.52 -22.10
CA GLU A 314 -20.34 2.70 -22.91
C GLU A 314 -21.14 3.71 -22.14
N ASP A 315 -21.36 3.43 -20.86
CA ASP A 315 -22.16 4.29 -20.00
C ASP A 315 -21.26 5.40 -19.49
N MET A 316 -20.11 5.51 -20.13
CA MET A 316 -18.96 6.27 -19.67
C MET A 316 -19.15 7.78 -19.63
N ASP A 317 -20.23 8.27 -20.23
CA ASP A 317 -20.37 9.70 -20.41
C ASP A 317 -20.37 10.45 -19.09
N ASP A 318 -21.05 9.91 -18.10
CA ASP A 318 -21.14 10.60 -16.81
C ASP A 318 -20.11 10.16 -15.79
N VAL A 319 -19.24 9.24 -16.16
CA VAL A 319 -18.28 8.70 -15.21
C VAL A 319 -17.32 9.76 -14.70
N VAL A 320 -17.06 9.75 -13.41
CA VAL A 320 -16.12 10.64 -12.78
C VAL A 320 -15.29 9.85 -11.80
N ASP A 321 -13.99 10.15 -11.72
CA ASP A 321 -13.13 9.47 -10.78
C ASP A 321 -13.41 9.88 -9.35
N ALA A 322 -13.30 8.95 -8.43
CA ALA A 322 -13.50 9.28 -7.01
C ALA A 322 -12.66 10.49 -6.60
N ASP A 323 -11.48 10.59 -7.21
CA ASP A 323 -10.54 11.67 -6.93
C ASP A 323 -11.09 13.02 -7.30
N GLU A 324 -12.06 13.04 -8.20
CA GLU A 324 -12.74 14.30 -8.53
C GLU A 324 -14.10 14.42 -7.89
N TYR A 325 -14.55 13.37 -7.22
CA TYR A 325 -15.82 13.45 -6.52
C TYR A 325 -15.58 13.83 -5.05
N LEU A 326 -15.84 15.09 -4.74
CA LEU A 326 -15.61 15.59 -3.39
C LEU A 326 -16.92 15.97 -2.69
N ILE A 327 -16.98 15.65 -1.39
CA ILE A 327 -18.14 15.90 -0.55
C ILE A 327 -17.83 16.98 0.51
N ASP B 1 0.21 -11.98 -0.74
CA ASP B 1 0.11 -13.44 -0.85
C ASP B 1 0.26 -14.13 0.51
N GLU B 2 -0.50 -15.20 0.72
CA GLU B 2 -0.59 -15.85 2.03
C GLU B 2 0.73 -16.41 2.55
N GLU B 3 1.60 -16.88 1.66
CA GLU B 3 2.90 -17.42 2.06
C GLU B 3 3.87 -16.37 2.61
N ASP B 4 3.50 -15.09 2.52
CA ASP B 4 4.32 -13.99 3.04
C ASP B 4 4.06 -13.71 4.51
N TYR B 5 2.88 -14.11 4.98
CA TYR B 5 2.50 -13.87 6.36
C TYR B 5 2.68 -15.10 7.19
N PTR B 6 3.52 -14.99 8.20
CA PTR B 6 3.86 -16.10 9.06
C PTR B 6 3.29 -15.90 10.45
O PTR B 6 3.33 -14.79 10.98
CB PTR B 6 5.38 -16.26 9.07
CG PTR B 6 5.87 -16.94 7.84
CD1 PTR B 6 5.57 -18.28 7.62
CD2 PTR B 6 6.61 -16.28 6.88
CE1 PTR B 6 6.00 -18.94 6.48
CE2 PTR B 6 7.05 -16.93 5.73
CZ PTR B 6 6.75 -18.26 5.54
OH PTR B 6 7.12 -18.91 4.48
P PTR B 6 8.67 -18.80 4.06
O1P PTR B 6 9.52 -18.68 5.35
O2P PTR B 6 9.08 -20.05 3.25
O3P PTR B 6 8.78 -17.60 3.19
N GLU B 7 2.74 -16.95 11.02
CA GLU B 7 2.16 -16.87 12.35
C GLU B 7 3.25 -16.63 13.39
N ILE B 8 3.20 -15.44 14.01
CA ILE B 8 4.28 -14.94 14.87
C ILE B 8 4.51 -15.69 16.20
N PRO B 9 3.43 -15.97 16.97
CA PRO B 9 3.59 -16.86 18.12
C PRO B 9 4.20 -18.21 17.75
#